data_6M3L
#
_entry.id   6M3L
#
_cell.length_a   84.153
_cell.length_b   84.153
_cell.length_c   140.530
_cell.angle_alpha   90.000
_cell.angle_beta   90.000
_cell.angle_gamma   120.000
#
_symmetry.space_group_name_H-M   'P 32 2 1'
#
loop_
_entity.id
_entity.type
_entity.pdbx_description
1 polymer 'RE_R_Pab1 domain-containing protein'
2 polymer "DNA (5'-D(*CP*GP*CP*AP*TP*CP*GP*AP*TP*TP*CP*AP*GP*AP*AP*TP*CP*GP*AP*TP*GP*CP*G)-3')"
#
loop_
_entity_poly.entity_id
_entity_poly.type
_entity_poly.pdbx_seq_one_letter_code
_entity_poly.pdbx_strand_id
1 'polypeptide(L)'
;MEASVSFENGKIVVRLPITRPTSKIRVKKIENGVGIPVSTRKKSFPSDENLRDYYIEWQISFARDGKYDYELSRMVRLAH
EHGILTYNDIYELLKFADDVKSYLEDKGIRRESTNEELYGFNIYEDVYPVAKKELPSGEFIGIVLKHAQRAVGYQSMVYV
CIPLTNVEPSLAGRVARRNEVVKYEVPVDLMKELLKAFIIASETHKNDIVKFLRSIIGTS
;
A,B
2 'polydeoxyribonucleotide'
;(DC)(DG)(DC)(DA)(DT)(DC)(DG)(DA)(DT)(DT)(DC)(DA)(DG)(DA)(DA)(DT)(DC)(DG)(DA)(DT)
(DG)(DC)(DG)
;
C
#
loop_
_chem_comp.id
_chem_comp.type
_chem_comp.name
_chem_comp.formula
DA DNA linking 2'-DEOXYADENOSINE-5'-MONOPHOSPHATE 'C10 H14 N5 O6 P'
DC DNA linking 2'-DEOXYCYTIDINE-5'-MONOPHOSPHATE 'C9 H14 N3 O7 P'
DG DNA linking 2'-DEOXYGUANOSINE-5'-MONOPHOSPHATE 'C10 H14 N5 O7 P'
DT DNA linking THYMIDINE-5'-MONOPHOSPHATE 'C10 H15 N2 O8 P'
#
# COMPACT_ATOMS: atom_id res chain seq x y z
N GLU A 2 -15.60 4.38 -12.71
CA GLU A 2 -16.40 3.50 -11.89
C GLU A 2 -16.74 2.24 -12.71
N ALA A 3 -16.86 1.09 -12.04
CA ALA A 3 -17.29 -0.11 -12.73
C ALA A 3 -18.80 -0.24 -12.88
N SER A 4 -19.22 -0.65 -14.08
CA SER A 4 -20.62 -0.87 -14.42
C SER A 4 -21.15 -2.20 -13.89
N VAL A 5 -22.27 -2.17 -13.16
CA VAL A 5 -22.88 -3.37 -12.60
C VAL A 5 -24.19 -3.63 -13.34
N SER A 6 -24.43 -4.88 -13.74
CA SER A 6 -25.65 -5.16 -14.49
C SER A 6 -26.04 -6.63 -14.31
N PHE A 7 -27.11 -7.03 -15.00
CA PHE A 7 -27.68 -8.38 -14.92
C PHE A 7 -28.03 -8.85 -16.33
N GLU A 8 -27.44 -9.99 -16.73
CA GLU A 8 -27.70 -10.52 -18.07
C GLU A 8 -27.65 -12.04 -18.05
N ASN A 9 -28.74 -12.67 -18.51
CA ASN A 9 -28.80 -14.12 -18.69
C ASN A 9 -28.57 -14.84 -17.36
N GLY A 10 -29.30 -14.43 -16.33
CA GLY A 10 -29.26 -15.11 -15.05
C GLY A 10 -27.95 -14.96 -14.31
N LYS A 11 -27.18 -13.93 -14.62
CA LYS A 11 -25.91 -13.71 -13.93
C LYS A 11 -25.76 -12.22 -13.62
N ILE A 12 -25.16 -11.93 -12.48
CA ILE A 12 -24.67 -10.58 -12.20
C ILE A 12 -23.31 -10.46 -12.86
N VAL A 13 -23.16 -9.48 -13.74
CA VAL A 13 -21.88 -9.24 -14.38
C VAL A 13 -21.51 -7.80 -14.10
N VAL A 14 -20.20 -7.55 -14.01
CA VAL A 14 -19.66 -6.21 -13.86
C VAL A 14 -18.60 -6.01 -14.93
N ARG A 15 -18.53 -4.79 -15.42
CA ARG A 15 -17.57 -4.41 -16.45
C ARG A 15 -16.42 -3.68 -15.80
N LEU A 16 -15.20 -4.20 -15.98
CA LEU A 16 -14.03 -3.71 -15.28
C LEU A 16 -13.11 -2.99 -16.26
N PRO A 17 -12.82 -1.71 -16.04
CA PRO A 17 -11.89 -1.01 -16.95
C PRO A 17 -10.47 -1.52 -16.72
N ILE A 18 -9.72 -1.68 -17.80
CA ILE A 18 -8.36 -2.19 -17.70
C ILE A 18 -7.32 -1.16 -18.12
N THR A 19 -7.72 0.08 -18.42
CA THR A 19 -6.75 1.12 -18.78
C THR A 19 -6.79 2.31 -17.82
N ARG A 20 -7.09 2.06 -16.55
CA ARG A 20 -7.06 3.10 -15.51
C ARG A 20 -6.19 2.61 -14.35
N PRO A 21 -4.87 2.56 -14.57
CA PRO A 21 -3.97 1.94 -13.58
C PRO A 21 -3.84 2.70 -12.28
N THR A 22 -4.37 3.91 -12.18
CA THR A 22 -4.32 4.69 -10.95
C THR A 22 -5.64 4.67 -10.20
N SER A 23 -6.61 3.88 -10.67
CA SER A 23 -7.90 3.77 -10.02
C SER A 23 -7.83 2.64 -8.99
N LYS A 24 -8.96 2.36 -8.35
CA LYS A 24 -9.03 1.23 -7.45
C LYS A 24 -9.16 -0.09 -8.19
N ILE A 25 -9.20 -0.05 -9.52
CA ILE A 25 -9.21 -1.23 -10.38
C ILE A 25 -8.00 -1.15 -11.28
N ARG A 26 -7.04 -2.05 -11.06
CA ARG A 26 -5.78 -2.02 -11.80
C ARG A 26 -5.37 -3.45 -12.14
N VAL A 27 -4.74 -3.61 -13.30
CA VAL A 27 -4.28 -4.91 -13.76
C VAL A 27 -2.85 -5.15 -13.27
N LYS A 28 -2.65 -6.29 -12.60
CA LYS A 28 -1.35 -6.66 -12.07
C LYS A 28 -0.91 -8.00 -12.66
N LYS A 29 0.38 -8.28 -12.55
CA LYS A 29 0.98 -9.56 -12.91
C LYS A 29 1.98 -9.94 -11.83
N ILE A 30 1.94 -11.18 -11.36
CA ILE A 30 2.83 -11.58 -10.28
C ILE A 30 4.15 -12.05 -10.87
N GLU A 31 5.25 -11.50 -10.35
CA GLU A 31 6.60 -11.93 -10.68
C GLU A 31 7.25 -12.36 -9.38
N ASN A 32 7.36 -13.68 -9.18
CA ASN A 32 8.02 -14.27 -8.02
C ASN A 32 7.30 -13.92 -6.71
N GLY A 33 5.97 -13.92 -6.75
CA GLY A 33 5.16 -13.84 -5.56
C GLY A 33 4.66 -12.44 -5.20
N VAL A 34 5.11 -11.41 -5.90
CA VAL A 34 4.67 -10.05 -5.66
C VAL A 34 3.89 -9.56 -6.87
N GLY A 35 2.94 -8.68 -6.63
CA GLY A 35 2.17 -8.06 -7.72
C GLY A 35 2.85 -6.79 -8.22
N ILE A 36 3.00 -6.71 -9.54
CA ILE A 36 3.64 -5.58 -10.20
C ILE A 36 2.65 -5.02 -11.20
N PRO A 37 2.42 -3.71 -11.26
CA PRO A 37 1.44 -3.17 -12.18
C PRO A 37 1.93 -3.29 -13.62
N VAL A 38 0.98 -3.18 -14.54
CA VAL A 38 1.21 -3.51 -15.95
C VAL A 38 0.64 -2.40 -16.81
N SER A 39 1.46 -1.88 -17.72
CA SER A 39 0.99 -0.90 -18.71
C SER A 39 0.24 -1.66 -19.79
N THR A 40 -1.09 -1.68 -19.68
CA THR A 40 -1.90 -2.49 -20.57
C THR A 40 -2.00 -1.92 -21.98
N ARG A 41 -1.50 -0.71 -22.22
CA ARG A 41 -1.57 -0.11 -23.54
C ARG A 41 -0.23 -0.13 -24.28
N LYS A 42 0.90 -0.25 -23.57
CA LYS A 42 2.20 -0.38 -24.21
C LYS A 42 2.69 -1.83 -24.28
N LYS A 43 2.63 -2.56 -23.16
CA LYS A 43 2.96 -3.98 -23.14
C LYS A 43 1.77 -4.83 -23.59
N SER A 44 2.00 -5.68 -24.59
CA SER A 44 0.97 -6.58 -25.11
C SER A 44 1.01 -7.92 -24.38
N PHE A 45 -0.14 -8.31 -23.82
CA PHE A 45 -0.38 -9.49 -22.99
C PHE A 45 0.20 -10.76 -23.61
N PRO A 46 0.63 -11.73 -22.82
CA PRO A 46 1.24 -12.95 -23.38
C PRO A 46 0.20 -13.89 -23.95
N SER A 47 0.60 -14.58 -25.01
CA SER A 47 -0.19 -15.68 -25.58
C SER A 47 0.39 -17.02 -25.13
N ASP A 48 0.19 -17.32 -23.84
CA ASP A 48 0.63 -18.60 -23.29
C ASP A 48 0.07 -18.88 -21.90
N GLU A 49 0.73 -19.77 -21.14
CA GLU A 49 0.19 -20.17 -19.83
C GLU A 49 0.45 -19.12 -18.76
N ASN A 50 1.50 -18.31 -18.91
CA ASN A 50 1.80 -17.29 -17.91
C ASN A 50 0.71 -16.23 -17.84
N LEU A 51 -0.33 -16.36 -18.67
CA LEU A 51 -1.44 -15.42 -18.66
C LEU A 51 -2.21 -15.54 -17.36
N ARG A 52 -2.16 -16.71 -16.72
CA ARG A 52 -2.82 -16.89 -15.43
C ARG A 52 -2.16 -16.04 -14.35
N ASP A 53 -0.85 -15.81 -14.48
CA ASP A 53 -0.13 -14.91 -13.57
C ASP A 53 -0.63 -13.47 -13.65
N TYR A 54 -1.34 -13.11 -14.71
CA TYR A 54 -1.98 -11.81 -14.83
C TYR A 54 -3.34 -11.83 -14.16
N TYR A 55 -3.70 -10.70 -13.54
CA TYR A 55 -4.99 -10.61 -12.86
C TYR A 55 -5.37 -9.14 -12.70
N ILE A 56 -6.64 -8.94 -12.36
CA ILE A 56 -7.21 -7.63 -12.07
C ILE A 56 -7.40 -7.50 -10.56
N GLU A 57 -6.79 -6.49 -9.97
CA GLU A 57 -6.94 -6.24 -8.54
C GLU A 57 -7.96 -5.12 -8.37
N TRP A 58 -9.04 -5.43 -7.65
CA TRP A 58 -10.17 -4.53 -7.50
C TRP A 58 -10.41 -4.30 -6.02
N GLN A 59 -10.18 -3.07 -5.57
CA GLN A 59 -10.51 -2.67 -4.21
C GLN A 59 -12.01 -2.41 -4.17
N ILE A 60 -12.77 -3.36 -3.68
CA ILE A 60 -14.23 -3.32 -3.78
C ILE A 60 -14.80 -2.73 -2.49
N SER A 61 -15.75 -1.82 -2.64
CA SER A 61 -16.41 -1.21 -1.50
C SER A 61 -17.85 -1.70 -1.42
N PHE A 62 -18.47 -1.42 -0.27
CA PHE A 62 -19.84 -1.81 -0.01
C PHE A 62 -20.77 -0.62 0.08
N ALA A 63 -20.35 0.43 0.77
CA ALA A 63 -21.16 1.61 1.02
C ALA A 63 -20.52 2.85 0.37
N ARG A 64 -21.36 3.84 0.11
CA ARG A 64 -20.93 5.13 -0.39
C ARG A 64 -21.92 6.18 0.10
N ASP A 65 -21.42 7.23 0.74
CA ASP A 65 -22.27 8.30 1.27
C ASP A 65 -23.32 7.77 2.25
N GLY A 66 -22.94 6.80 3.07
CA GLY A 66 -23.88 6.21 4.01
C GLY A 66 -25.02 5.43 3.40
N LYS A 67 -24.99 5.17 2.10
CA LYS A 67 -26.01 4.39 1.42
C LYS A 67 -25.38 3.11 0.88
N TYR A 68 -26.23 2.10 0.68
CA TYR A 68 -25.76 0.82 0.16
C TYR A 68 -26.20 0.65 -1.28
N ASP A 69 -25.78 1.58 -2.12
CA ASP A 69 -26.07 1.57 -3.55
C ASP A 69 -24.77 1.76 -4.32
N TYR A 70 -23.82 0.87 -4.08
CA TYR A 70 -22.47 1.06 -4.61
C TYR A 70 -21.76 -0.30 -4.67
N GLU A 71 -21.27 -0.66 -5.85
CA GLU A 71 -20.45 -1.84 -6.08
C GLU A 71 -21.08 -3.09 -5.46
N LEU A 72 -20.49 -3.58 -4.36
CA LEU A 72 -20.95 -4.85 -3.82
C LEU A 72 -22.41 -4.80 -3.38
N SER A 73 -22.86 -3.65 -2.88
CA SER A 73 -24.25 -3.55 -2.48
C SER A 73 -25.17 -3.51 -3.70
N ARG A 74 -24.68 -3.00 -4.82
CA ARG A 74 -25.45 -3.06 -6.06
C ARG A 74 -25.46 -4.45 -6.66
N MET A 75 -24.35 -5.19 -6.54
CA MET A 75 -24.35 -6.57 -7.01
C MET A 75 -25.25 -7.45 -6.16
N VAL A 76 -25.24 -7.24 -4.84
CA VAL A 76 -26.02 -8.12 -3.98
C VAL A 76 -27.52 -7.85 -4.17
N ARG A 77 -27.90 -6.58 -4.33
CA ARG A 77 -29.31 -6.26 -4.48
C ARG A 77 -29.86 -6.78 -5.82
N LEU A 78 -29.14 -6.57 -6.92
CA LEU A 78 -29.56 -7.18 -8.18
C LEU A 78 -29.63 -8.70 -8.06
N ALA A 79 -28.62 -9.31 -7.42
CA ALA A 79 -28.64 -10.76 -7.22
C ALA A 79 -29.87 -11.15 -6.41
N HIS A 80 -30.25 -10.31 -5.44
CA HIS A 80 -31.45 -10.59 -4.66
C HIS A 80 -32.70 -10.51 -5.52
N GLU A 81 -32.81 -9.45 -6.33
CA GLU A 81 -34.04 -9.19 -7.08
C GLU A 81 -34.30 -10.21 -8.17
N HIS A 82 -33.26 -10.86 -8.69
CA HIS A 82 -33.41 -11.87 -9.73
C HIS A 82 -33.22 -13.29 -9.20
N GLY A 83 -33.40 -13.47 -7.89
CA GLY A 83 -33.36 -14.80 -7.33
C GLY A 83 -32.02 -15.48 -7.45
N ILE A 84 -30.97 -14.71 -7.73
CA ILE A 84 -29.63 -15.27 -7.76
C ILE A 84 -29.15 -15.49 -6.33
N LEU A 85 -29.46 -14.55 -5.44
CA LEU A 85 -29.19 -14.68 -4.02
C LEU A 85 -30.52 -14.96 -3.32
N THR A 86 -30.66 -16.16 -2.74
CA THR A 86 -31.93 -16.62 -2.22
C THR A 86 -32.16 -16.15 -0.79
N TYR A 87 -33.32 -16.51 -0.25
CA TYR A 87 -33.64 -16.19 1.15
C TYR A 87 -32.70 -16.92 2.10
N ASN A 88 -32.53 -18.23 1.90
CA ASN A 88 -31.61 -19.01 2.73
C ASN A 88 -30.17 -18.57 2.55
N ASP A 89 -29.79 -18.12 1.34
CA ASP A 89 -28.46 -17.57 1.15
C ASP A 89 -28.23 -16.41 2.10
N ILE A 90 -29.18 -15.48 2.13
CA ILE A 90 -29.07 -14.31 3.00
C ILE A 90 -29.24 -14.73 4.45
N TYR A 91 -30.12 -15.70 4.71
CA TYR A 91 -30.31 -16.19 6.07
C TYR A 91 -29.05 -16.84 6.62
N GLU A 92 -28.36 -17.66 5.82
CA GLU A 92 -27.11 -18.26 6.32
C GLU A 92 -26.06 -17.21 6.60
N LEU A 93 -26.03 -16.16 5.78
CA LEU A 93 -25.04 -15.09 5.99
C LEU A 93 -25.30 -14.39 7.31
N LEU A 94 -26.56 -14.08 7.62
CA LEU A 94 -26.85 -13.35 8.84
C LEU A 94 -26.61 -14.23 10.06
N LYS A 95 -26.85 -15.53 9.93
CA LYS A 95 -26.54 -16.47 11.01
C LYS A 95 -25.03 -16.66 11.12
N PHE A 96 -24.30 -16.49 10.02
CA PHE A 96 -22.85 -16.47 10.08
C PHE A 96 -22.36 -15.22 10.78
N ALA A 97 -23.01 -14.08 10.50
CA ALA A 97 -22.63 -12.84 11.15
C ALA A 97 -22.94 -12.90 12.64
N ASP A 98 -24.01 -13.58 13.04
CA ASP A 98 -24.30 -13.67 14.46
C ASP A 98 -23.24 -14.47 15.18
N ASP A 99 -22.58 -15.40 14.47
CA ASP A 99 -21.53 -16.22 15.04
C ASP A 99 -20.13 -15.60 14.99
N VAL A 100 -19.90 -14.64 14.09
CA VAL A 100 -18.58 -14.00 14.01
C VAL A 100 -18.40 -13.06 15.19
N LYS A 101 -17.32 -13.25 15.94
CA LYS A 101 -17.05 -12.38 17.07
C LYS A 101 -15.63 -11.81 17.17
N SER A 102 -14.68 -12.29 16.37
CA SER A 102 -13.35 -11.70 16.25
C SER A 102 -13.15 -11.18 14.83
N TYR A 103 -12.39 -10.08 14.70
CA TYR A 103 -12.30 -9.38 13.42
C TYR A 103 -10.83 -9.14 13.07
N LEU A 104 -10.58 -8.84 11.78
CA LEU A 104 -9.22 -8.58 11.32
C LEU A 104 -8.63 -7.35 11.98
N GLU A 105 -9.45 -6.31 12.21
CA GLU A 105 -8.94 -5.10 12.86
C GLU A 105 -8.52 -5.35 14.31
N ASP A 106 -8.94 -6.47 14.90
CA ASP A 106 -8.49 -6.80 16.24
C ASP A 106 -7.00 -7.13 16.28
N LYS A 107 -6.40 -7.50 15.15
CA LYS A 107 -4.96 -7.77 15.15
C LYS A 107 -4.14 -6.49 15.26
N GLY A 108 -4.68 -5.35 14.85
CA GLY A 108 -4.01 -4.08 14.97
C GLY A 108 -2.76 -3.93 14.10
N ILE A 109 -2.19 -2.73 14.15
CA ILE A 109 -0.89 -2.42 13.56
C ILE A 109 0.07 -2.00 14.67
N ARG A 110 1.30 -2.53 14.63
CA ARG A 110 2.28 -2.31 15.68
C ARG A 110 3.66 -2.03 15.05
N ARG A 111 4.43 -1.17 15.73
CA ARG A 111 5.82 -0.92 15.39
C ARG A 111 6.74 -1.66 16.36
N GLU A 112 7.50 -2.63 15.85
CA GLU A 112 8.34 -3.49 16.67
C GLU A 112 9.79 -3.02 16.67
N SER A 113 10.38 -2.94 17.86
CA SER A 113 11.79 -2.61 17.99
C SER A 113 12.64 -3.81 17.55
N THR A 114 13.88 -3.54 17.14
CA THR A 114 14.78 -4.56 16.65
C THR A 114 16.10 -4.53 17.39
N ASN A 115 16.85 -5.62 17.28
CA ASN A 115 18.24 -5.63 17.70
C ASN A 115 19.15 -5.15 16.59
N GLU A 116 18.57 -4.64 15.51
CA GLU A 116 19.29 -4.24 14.32
C GLU A 116 19.45 -2.73 14.32
N GLU A 117 20.55 -2.28 13.73
CA GLU A 117 20.88 -0.87 13.59
C GLU A 117 21.49 -0.68 12.21
N LEU A 118 21.23 0.47 11.62
CA LEU A 118 21.73 0.74 10.28
C LEU A 118 22.65 1.96 10.37
N TYR A 119 23.91 1.72 10.70
CA TYR A 119 24.95 2.75 10.71
C TYR A 119 24.50 3.99 11.46
N GLY A 120 24.08 3.77 12.70
CA GLY A 120 23.62 4.84 13.56
C GLY A 120 22.14 5.09 13.53
N PHE A 121 21.41 4.44 12.61
CA PHE A 121 19.98 4.64 12.50
C PHE A 121 19.25 3.49 13.19
N ASN A 122 18.35 3.83 14.09
CA ASN A 122 17.51 2.84 14.74
C ASN A 122 16.61 2.17 13.68
N ILE A 123 16.37 0.88 13.83
CA ILE A 123 15.58 0.10 12.87
C ILE A 123 14.32 -0.42 13.55
N TYR A 124 13.17 -0.20 12.91
CA TYR A 124 11.89 -0.69 13.40
C TYR A 124 11.23 -1.52 12.30
N GLU A 125 10.31 -2.39 12.72
CA GLU A 125 9.48 -3.19 11.82
C GLU A 125 8.01 -2.89 12.06
N ASP A 126 7.34 -2.29 11.07
CA ASP A 126 5.91 -2.06 11.14
C ASP A 126 5.20 -3.30 10.60
N VAL A 127 4.37 -3.94 11.44
CA VAL A 127 3.75 -5.21 11.11
C VAL A 127 2.26 -4.97 10.85
N TYR A 128 1.82 -5.21 9.60
CA TYR A 128 0.45 -5.03 9.13
C TYR A 128 -0.23 -6.38 8.84
N PRO A 129 -1.44 -6.61 9.34
CA PRO A 129 -2.14 -7.89 9.08
C PRO A 129 -2.99 -7.86 7.81
N VAL A 130 -2.95 -8.98 7.08
CA VAL A 130 -3.77 -9.16 5.89
C VAL A 130 -4.46 -10.52 5.96
N ALA A 131 -5.58 -10.63 5.26
CA ALA A 131 -6.35 -11.87 5.15
C ALA A 131 -6.51 -12.19 3.68
N LYS A 132 -6.30 -13.45 3.32
CA LYS A 132 -6.32 -13.88 1.93
C LYS A 132 -7.06 -15.20 1.83
N LYS A 133 -7.84 -15.35 0.76
CA LYS A 133 -8.60 -16.57 0.55
C LYS A 133 -8.70 -16.88 -0.94
N GLU A 134 -8.33 -18.10 -1.31
CA GLU A 134 -8.44 -18.56 -2.68
C GLU A 134 -9.76 -19.30 -2.84
N LEU A 135 -10.46 -18.99 -3.90
CA LEU A 135 -11.72 -19.66 -4.18
C LEU A 135 -11.50 -20.69 -5.29
N PRO A 136 -12.28 -21.77 -5.30
CA PRO A 136 -12.06 -22.80 -6.34
C PRO A 136 -12.20 -22.23 -7.75
N SER A 137 -12.97 -21.16 -7.93
CA SER A 137 -13.15 -20.55 -9.24
C SER A 137 -11.93 -19.78 -9.74
N GLY A 138 -10.92 -19.54 -8.89
CA GLY A 138 -9.69 -18.89 -9.28
C GLY A 138 -9.43 -17.53 -8.63
N GLU A 139 -10.48 -16.83 -8.22
CA GLU A 139 -10.31 -15.49 -7.65
C GLU A 139 -9.66 -15.56 -6.26
N PHE A 140 -9.02 -14.46 -5.87
CA PHE A 140 -8.50 -14.27 -4.53
C PHE A 140 -9.24 -13.10 -3.87
N ILE A 141 -9.53 -13.23 -2.58
CA ILE A 141 -10.13 -12.16 -1.79
C ILE A 141 -9.14 -11.74 -0.71
N GLY A 142 -8.84 -10.45 -0.67
CA GLY A 142 -7.89 -9.92 0.30
C GLY A 142 -8.52 -8.86 1.21
N ILE A 143 -8.07 -8.85 2.46
CA ILE A 143 -8.44 -7.81 3.42
C ILE A 143 -7.14 -7.33 4.05
N VAL A 144 -6.82 -6.04 3.85
CA VAL A 144 -5.66 -5.42 4.47
C VAL A 144 -6.14 -4.37 5.45
N LEU A 145 -5.35 -4.17 6.49
CA LEU A 145 -5.62 -3.17 7.52
C LEU A 145 -4.60 -2.05 7.44
N LYS A 146 -5.08 -0.80 7.44
CA LYS A 146 -4.21 0.36 7.48
C LYS A 146 -4.76 1.33 8.53
N HIS A 147 -3.96 2.37 8.83
CA HIS A 147 -4.38 3.39 9.78
C HIS A 147 -5.44 4.29 9.18
N ALA A 148 -6.44 4.65 9.98
CA ALA A 148 -7.38 5.68 9.55
C ALA A 148 -6.67 6.99 9.28
N GLN A 149 -6.92 7.55 8.10
CA GLN A 149 -6.17 8.70 7.61
C GLN A 149 -6.49 9.95 8.44
N GLY A 153 -7.79 5.26 15.00
CA GLY A 153 -8.43 4.00 14.74
C GLY A 153 -7.97 3.38 13.43
N TYR A 154 -8.49 2.21 13.12
CA TYR A 154 -8.12 1.50 11.90
C TYR A 154 -9.26 1.55 10.89
N GLN A 155 -8.91 1.39 9.62
CA GLN A 155 -9.89 1.11 8.59
C GLN A 155 -9.41 -0.07 7.77
N SER A 156 -10.33 -0.95 7.43
CA SER A 156 -10.03 -2.18 6.71
C SER A 156 -10.64 -2.09 5.31
N MET A 157 -9.86 -2.52 4.32
CA MET A 157 -10.27 -2.47 2.93
C MET A 157 -10.24 -3.88 2.33
N VAL A 158 -11.26 -4.18 1.54
CA VAL A 158 -11.45 -5.49 0.94
C VAL A 158 -11.01 -5.43 -0.52
N TYR A 159 -10.21 -6.41 -0.94
CA TYR A 159 -9.79 -6.56 -2.32
C TYR A 159 -10.33 -7.87 -2.88
N VAL A 160 -10.63 -7.87 -4.18
CA VAL A 160 -10.90 -9.09 -4.92
C VAL A 160 -10.03 -9.10 -6.17
N CYS A 161 -9.29 -10.18 -6.38
CA CYS A 161 -8.37 -10.33 -7.49
C CYS A 161 -8.89 -11.37 -8.48
N ILE A 162 -9.12 -10.96 -9.72
CA ILE A 162 -9.82 -11.72 -10.73
C ILE A 162 -8.82 -12.11 -11.82
N PRO A 163 -8.50 -13.39 -11.99
CA PRO A 163 -7.59 -13.79 -13.07
C PRO A 163 -8.14 -13.37 -14.43
N LEU A 164 -7.23 -12.98 -15.34
CA LEU A 164 -7.66 -12.51 -16.65
C LEU A 164 -8.32 -13.63 -17.45
N THR A 165 -7.97 -14.87 -17.16
CA THR A 165 -8.62 -16.01 -17.81
C THR A 165 -10.08 -16.16 -17.42
N ASN A 166 -10.54 -15.45 -16.39
CA ASN A 166 -11.90 -15.51 -15.89
C ASN A 166 -12.80 -14.44 -16.48
N VAL A 167 -12.29 -13.62 -17.38
CA VAL A 167 -13.03 -12.53 -17.99
C VAL A 167 -13.01 -12.64 -19.50
N GLU A 168 -13.98 -11.98 -20.14
CA GLU A 168 -13.97 -11.87 -21.58
C GLU A 168 -14.01 -10.40 -22.00
N PRO A 169 -13.48 -10.05 -23.18
CA PRO A 169 -12.92 -11.00 -24.14
C PRO A 169 -11.54 -11.51 -23.75
N SER A 170 -11.06 -12.52 -24.47
CA SER A 170 -9.71 -13.04 -24.26
C SER A 170 -8.70 -12.01 -24.75
N LEU A 171 -7.88 -11.51 -23.84
CA LEU A 171 -6.81 -10.59 -24.16
C LEU A 171 -5.52 -11.29 -24.56
N ALA A 172 -5.56 -12.61 -24.74
CA ALA A 172 -4.36 -13.36 -25.05
C ALA A 172 -3.72 -12.89 -26.36
N GLY A 173 -2.43 -12.57 -26.28
CA GLY A 173 -1.66 -12.23 -27.46
C GLY A 173 -2.03 -10.90 -28.08
N ARG A 174 -2.58 -9.98 -27.29
CA ARG A 174 -2.96 -8.68 -27.81
C ARG A 174 -2.83 -7.62 -26.72
N VAL A 175 -2.85 -6.36 -27.14
CA VAL A 175 -2.78 -5.22 -26.25
C VAL A 175 -4.20 -4.70 -25.98
N ALA A 176 -4.38 -4.12 -24.79
CA ALA A 176 -5.68 -3.56 -24.42
C ALA A 176 -6.06 -2.42 -25.37
N ARG A 177 -7.36 -2.20 -25.53
CA ARG A 177 -7.84 -1.14 -26.39
C ARG A 177 -8.04 0.15 -25.60
N ARG A 178 -8.21 1.25 -26.32
CA ARG A 178 -8.45 2.54 -25.69
C ARG A 178 -9.75 2.53 -24.88
N ASN A 179 -9.65 2.89 -23.61
CA ASN A 179 -10.80 2.95 -22.71
C ASN A 179 -11.51 1.59 -22.61
N GLU A 180 -10.78 0.52 -22.85
CA GLU A 180 -11.34 -0.83 -22.83
C GLU A 180 -11.78 -1.25 -21.44
N VAL A 181 -13.05 -1.61 -21.30
CA VAL A 181 -13.52 -2.30 -20.11
C VAL A 181 -13.85 -3.73 -20.52
N VAL A 182 -13.94 -4.60 -19.52
CA VAL A 182 -13.95 -6.04 -19.71
C VAL A 182 -15.10 -6.65 -18.93
N LYS A 183 -15.74 -7.69 -19.49
CA LYS A 183 -16.94 -8.27 -18.91
C LYS A 183 -16.57 -9.43 -17.99
N TYR A 184 -17.08 -9.39 -16.76
CA TYR A 184 -16.81 -10.41 -15.75
C TYR A 184 -18.09 -10.90 -15.11
N GLU A 185 -18.42 -12.17 -15.32
CA GLU A 185 -19.61 -12.80 -14.72
C GLU A 185 -19.29 -13.22 -13.28
N VAL A 186 -20.02 -12.66 -12.32
CA VAL A 186 -19.70 -12.82 -10.90
C VAL A 186 -20.32 -14.12 -10.39
N PRO A 187 -19.52 -15.10 -9.99
CA PRO A 187 -20.08 -16.31 -9.37
C PRO A 187 -20.78 -15.97 -8.07
N VAL A 188 -21.85 -16.72 -7.77
CA VAL A 188 -22.62 -16.41 -6.57
C VAL A 188 -21.77 -16.61 -5.32
N ASP A 189 -20.89 -17.62 -5.32
CA ASP A 189 -20.05 -17.87 -4.15
C ASP A 189 -19.14 -16.69 -3.86
N LEU A 190 -18.67 -16.01 -4.92
CA LEU A 190 -17.82 -14.84 -4.70
C LEU A 190 -18.61 -13.71 -4.03
N MET A 191 -19.87 -13.50 -4.43
CA MET A 191 -20.65 -12.46 -3.75
C MET A 191 -20.82 -12.81 -2.28
N LYS A 192 -21.06 -14.09 -1.98
CA LYS A 192 -21.19 -14.54 -0.59
C LYS A 192 -19.87 -14.41 0.16
N GLU A 193 -18.75 -14.78 -0.48
CA GLU A 193 -17.46 -14.68 0.17
C GLU A 193 -17.05 -13.22 0.36
N LEU A 194 -17.44 -12.35 -0.56
CA LEU A 194 -17.19 -10.92 -0.40
C LEU A 194 -17.98 -10.35 0.77
N LEU A 195 -19.24 -10.75 0.93
CA LEU A 195 -20.00 -10.32 2.10
C LEU A 195 -19.39 -10.89 3.38
N LYS A 196 -18.89 -12.13 3.32
CA LYS A 196 -18.20 -12.70 4.46
C LYS A 196 -16.95 -11.90 4.80
N ALA A 197 -16.18 -11.51 3.79
CA ALA A 197 -14.97 -10.70 4.03
C ALA A 197 -15.31 -9.41 4.77
N PHE A 198 -16.37 -8.72 4.35
CA PHE A 198 -16.77 -7.52 5.07
C PHE A 198 -17.28 -7.84 6.47
N ILE A 199 -17.92 -9.00 6.66
CA ILE A 199 -18.43 -9.34 7.99
C ILE A 199 -17.28 -9.49 8.98
N ILE A 200 -16.23 -10.21 8.58
CA ILE A 200 -15.09 -10.47 9.47
C ILE A 200 -14.04 -9.38 9.44
N ALA A 201 -14.14 -8.41 8.53
CA ALA A 201 -13.12 -7.37 8.42
C ALA A 201 -13.08 -6.52 9.68
N SER A 202 -14.23 -5.99 10.09
CA SER A 202 -14.33 -5.20 11.30
C SER A 202 -15.77 -5.26 11.77
N GLU A 203 -15.98 -4.89 13.04
CA GLU A 203 -17.34 -4.84 13.54
C GLU A 203 -18.13 -3.75 12.84
N THR A 204 -17.47 -2.65 12.47
CA THR A 204 -18.16 -1.58 11.75
C THR A 204 -18.66 -2.08 10.39
N HIS A 205 -17.80 -2.82 9.67
CA HIS A 205 -18.19 -3.38 8.38
C HIS A 205 -19.30 -4.40 8.54
N LYS A 206 -19.21 -5.21 9.58
CA LYS A 206 -20.19 -6.25 9.81
C LYS A 206 -21.59 -5.68 10.00
N ASN A 207 -21.70 -4.64 10.83
CA ASN A 207 -22.97 -3.98 11.07
C ASN A 207 -23.56 -3.44 9.78
N ASP A 208 -22.72 -3.02 8.83
CA ASP A 208 -23.23 -2.57 7.54
C ASP A 208 -23.77 -3.74 6.75
N ILE A 209 -23.06 -4.87 6.74
CA ILE A 209 -23.55 -6.05 6.05
C ILE A 209 -24.84 -6.55 6.69
N VAL A 210 -24.87 -6.61 8.02
CA VAL A 210 -26.04 -7.10 8.73
C VAL A 210 -27.23 -6.20 8.47
N LYS A 211 -27.02 -4.88 8.59
CA LYS A 211 -28.11 -3.91 8.43
C LYS A 211 -28.64 -3.89 7.01
N PHE A 212 -27.78 -4.14 6.02
CA PHE A 212 -28.19 -4.19 4.63
C PHE A 212 -28.90 -5.50 4.29
N LEU A 213 -28.37 -6.62 4.78
CA LEU A 213 -28.97 -7.92 4.50
C LEU A 213 -30.34 -8.05 5.14
N ARG A 214 -30.51 -7.50 6.34
CA ARG A 214 -31.82 -7.52 7.00
C ARG A 214 -32.85 -6.66 6.27
N SER A 215 -32.42 -5.62 5.54
CA SER A 215 -33.37 -4.76 4.86
C SER A 215 -33.99 -5.41 3.64
N ILE A 216 -33.29 -6.36 3.02
CA ILE A 216 -33.82 -7.05 1.84
C ILE A 216 -34.45 -8.39 2.22
N ILE A 217 -34.74 -8.57 3.50
CA ILE A 217 -35.36 -9.79 3.99
C ILE A 217 -36.56 -9.43 4.87
N PRO B 21 -1.64 20.51 2.62
CA PRO B 21 -1.44 19.24 3.33
C PRO B 21 -1.24 18.06 2.39
N THR B 22 -1.61 18.24 1.12
CA THR B 22 -1.47 17.20 0.11
C THR B 22 -0.11 17.22 -0.58
N SER B 23 0.76 18.17 -0.22
CA SER B 23 2.11 18.21 -0.78
C SER B 23 2.99 17.20 -0.04
N LYS B 24 4.26 17.15 -0.45
CA LYS B 24 5.26 16.40 0.29
C LYS B 24 5.64 17.08 1.60
N ILE B 25 5.19 18.32 1.81
CA ILE B 25 5.43 19.08 3.04
C ILE B 25 4.08 19.34 3.68
N ARG B 26 3.83 18.71 4.83
CA ARG B 26 2.54 18.80 5.48
C ARG B 26 2.72 18.81 6.99
N VAL B 27 1.76 19.43 7.67
CA VAL B 27 1.80 19.60 9.13
C VAL B 27 0.90 18.56 9.76
N LYS B 28 1.43 17.84 10.74
CA LYS B 28 0.65 16.87 11.50
C LYS B 28 0.88 17.08 13.00
N LYS B 29 0.15 16.32 13.79
CA LYS B 29 0.29 16.33 15.24
C LYS B 29 0.20 14.91 15.77
N ILE B 30 0.87 14.66 16.89
CA ILE B 30 0.87 13.34 17.49
C ILE B 30 -0.40 13.15 18.30
N GLU B 31 -1.24 12.22 17.88
CA GLU B 31 -2.46 11.84 18.59
C GLU B 31 -2.47 10.33 18.73
N ASN B 32 -2.49 9.85 19.97
CA ASN B 32 -2.42 8.43 20.29
C ASN B 32 -1.15 7.78 19.72
N GLY B 33 -0.11 8.57 19.50
CA GLY B 33 1.16 8.06 19.03
C GLY B 33 1.36 8.07 17.52
N VAL B 34 0.37 8.53 16.75
CA VAL B 34 0.44 8.44 15.29
C VAL B 34 0.23 9.79 14.64
N ASP B 48 -0.15 25.93 25.11
CA ASP B 48 0.36 25.06 26.17
C ASP B 48 1.47 24.15 25.64
N GLU B 49 1.70 23.04 26.33
CA GLU B 49 2.79 22.14 25.99
C GLU B 49 2.42 21.12 24.91
N ASN B 50 1.23 21.20 24.34
CA ASN B 50 0.87 20.33 23.22
C ASN B 50 1.51 20.77 21.92
N LEU B 51 2.13 21.95 21.88
CA LEU B 51 2.78 22.43 20.66
C LEU B 51 3.99 21.59 20.29
N ARG B 52 4.51 20.78 21.22
CA ARG B 52 5.57 19.84 20.92
C ARG B 52 5.08 18.68 20.06
N ASP B 53 3.79 18.38 20.11
CA ASP B 53 3.23 17.29 19.31
C ASP B 53 3.01 17.66 17.86
N TYR B 54 3.11 18.95 17.52
CA TYR B 54 2.92 19.40 16.15
C TYR B 54 4.26 19.47 15.44
N TYR B 55 4.32 18.91 14.23
CA TYR B 55 5.55 18.90 13.45
C TYR B 55 5.23 18.97 11.98
N ILE B 56 6.25 19.34 11.19
CA ILE B 56 6.16 19.43 9.75
C ILE B 56 6.86 18.22 9.15
N GLU B 57 6.12 17.44 8.36
CA GLU B 57 6.68 16.28 7.68
C GLU B 57 7.05 16.68 6.27
N TRP B 58 8.31 16.45 5.90
CA TRP B 58 8.85 16.85 4.59
C TRP B 58 9.39 15.61 3.88
N GLN B 59 8.69 15.17 2.84
CA GLN B 59 9.20 14.15 1.95
C GLN B 59 10.29 14.75 1.05
N ILE B 60 11.54 14.67 1.49
CA ILE B 60 12.63 15.43 0.89
C ILE B 60 13.31 14.60 -0.21
N SER B 61 13.66 15.27 -1.30
CA SER B 61 14.29 14.64 -2.44
C SER B 61 15.77 15.01 -2.51
N PHE B 62 16.52 14.23 -3.28
CA PHE B 62 17.95 14.46 -3.47
C PHE B 62 18.27 15.14 -4.79
N ALA B 63 17.76 14.59 -5.89
CA ALA B 63 18.02 15.13 -7.22
C ALA B 63 16.71 15.42 -7.91
N ARG B 64 16.82 16.21 -8.98
CA ARG B 64 15.68 16.48 -9.86
C ARG B 64 16.26 16.91 -11.20
N ASP B 65 15.66 16.40 -12.28
CA ASP B 65 16.08 16.74 -13.63
C ASP B 65 17.50 16.26 -13.92
N GLY B 66 17.91 15.17 -13.28
CA GLY B 66 19.22 14.58 -13.56
C GLY B 66 20.39 15.29 -12.93
N LYS B 67 20.24 16.59 -12.64
CA LYS B 67 21.30 17.38 -12.03
C LYS B 67 21.04 17.53 -10.54
N TYR B 68 22.13 17.66 -9.78
CA TYR B 68 22.07 17.67 -8.33
C TYR B 68 22.01 19.10 -7.80
N ASP B 69 20.89 19.76 -8.09
CA ASP B 69 20.64 21.11 -7.62
C ASP B 69 19.15 21.27 -7.31
N TYR B 70 18.70 20.56 -6.27
CA TYR B 70 17.33 20.66 -5.81
C TYR B 70 17.26 20.16 -4.37
N GLU B 71 16.62 20.96 -3.51
CA GLU B 71 16.41 20.63 -2.10
C GLU B 71 17.72 20.27 -1.40
N LEU B 72 17.91 18.98 -1.10
CA LEU B 72 19.07 18.56 -0.32
C LEU B 72 20.37 18.90 -1.04
N SER B 73 20.48 18.53 -2.32
CA SER B 73 21.68 18.82 -3.09
C SER B 73 21.96 20.30 -3.18
N ARG B 74 20.95 21.15 -3.02
CA ARG B 74 21.18 22.59 -2.99
C ARG B 74 21.75 23.01 -1.64
N MET B 75 21.13 22.55 -0.55
CA MET B 75 21.66 22.80 0.79
C MET B 75 23.12 22.38 0.89
N VAL B 76 23.44 21.19 0.38
CA VAL B 76 24.78 20.64 0.55
C VAL B 76 25.80 21.47 -0.23
N ARG B 77 25.49 21.79 -1.49
CA ARG B 77 26.43 22.60 -2.27
C ARG B 77 26.53 24.01 -1.72
N LEU B 78 25.39 24.62 -1.37
CA LEU B 78 25.41 25.98 -0.82
C LEU B 78 26.19 26.03 0.48
N ALA B 79 26.07 25.00 1.32
CA ALA B 79 26.81 24.98 2.58
C ALA B 79 28.30 24.71 2.35
N HIS B 80 28.61 23.85 1.39
CA HIS B 80 30.01 23.58 1.06
C HIS B 80 30.70 24.79 0.46
N GLU B 81 29.95 25.62 -0.29
CA GLU B 81 30.54 26.83 -0.85
C GLU B 81 30.76 27.89 0.23
N HIS B 82 29.83 28.00 1.19
CA HIS B 82 29.90 28.99 2.25
C HIS B 82 30.85 28.62 3.37
N GLY B 83 31.63 27.54 3.22
CA GLY B 83 32.49 27.08 4.29
C GLY B 83 31.76 26.44 5.46
N ILE B 84 30.43 26.39 5.43
CA ILE B 84 29.67 25.72 6.48
C ILE B 84 30.03 24.24 6.51
N LEU B 85 30.24 23.65 5.33
CA LEU B 85 30.74 22.29 5.21
C LEU B 85 32.16 22.35 4.67
N THR B 86 33.08 21.65 5.34
CA THR B 86 34.49 21.72 5.02
C THR B 86 34.91 20.55 4.15
N TYR B 87 36.18 20.57 3.73
CA TYR B 87 36.70 19.46 2.93
C TYR B 87 36.69 18.17 3.73
N ASN B 88 37.05 18.23 5.02
CA ASN B 88 37.05 17.04 5.85
C ASN B 88 35.65 16.49 6.07
N ASP B 89 34.62 17.35 5.97
CA ASP B 89 33.26 16.87 6.15
C ASP B 89 32.84 15.93 5.02
N ILE B 90 33.36 16.15 3.80
CA ILE B 90 32.98 15.31 2.68
C ILE B 90 33.71 13.96 2.75
N TYR B 91 34.93 13.92 3.27
CA TYR B 91 35.62 12.64 3.42
C TYR B 91 34.86 11.72 4.35
N GLU B 92 34.48 12.23 5.54
CA GLU B 92 33.72 11.42 6.47
C GLU B 92 32.50 10.81 5.81
N LEU B 93 31.79 11.60 5.00
CA LEU B 93 30.64 11.07 4.28
C LEU B 93 31.06 10.11 3.17
N LEU B 94 32.14 10.43 2.45
CA LEU B 94 32.62 9.54 1.40
C LEU B 94 33.20 8.25 1.97
N LYS B 95 33.98 8.36 3.06
CA LYS B 95 34.50 7.18 3.72
C LYS B 95 33.38 6.35 4.33
N PHE B 96 32.43 7.01 5.00
CA PHE B 96 31.28 6.30 5.55
C PHE B 96 30.49 5.60 4.45
N ALA B 97 30.29 6.28 3.32
CA ALA B 97 29.65 5.63 2.18
C ALA B 97 30.45 4.43 1.71
N ASP B 98 31.78 4.54 1.74
CA ASP B 98 32.64 3.44 1.33
C ASP B 98 32.40 2.20 2.18
N ASP B 99 32.20 2.38 3.48
CA ASP B 99 32.04 1.27 4.41
C ASP B 99 30.66 0.61 4.37
N VAL B 100 29.69 1.20 3.68
CA VAL B 100 28.31 0.72 3.75
C VAL B 100 28.10 -0.42 2.77
N LYS B 101 27.53 -1.52 3.26
CA LYS B 101 27.19 -2.67 2.43
C LYS B 101 25.70 -2.99 2.46
N SER B 102 25.09 -3.04 3.64
CA SER B 102 23.66 -3.29 3.73
C SER B 102 22.89 -1.99 3.57
N TYR B 103 21.69 -2.09 3.03
CA TYR B 103 20.81 -0.94 2.80
C TYR B 103 19.41 -1.28 3.27
N LEU B 104 18.60 -0.24 3.49
CA LEU B 104 17.26 -0.46 4.01
C LEU B 104 16.41 -1.27 3.03
N GLU B 105 16.61 -1.09 1.73
CA GLU B 105 15.83 -1.83 0.76
C GLU B 105 16.18 -3.32 0.76
N ASP B 106 17.35 -3.70 1.27
CA ASP B 106 17.71 -5.11 1.35
C ASP B 106 16.77 -5.87 2.28
N LYS B 107 16.25 -5.22 3.31
CA LYS B 107 15.27 -5.88 4.18
C LYS B 107 13.99 -6.19 3.42
N GLY B 108 13.58 -5.28 2.53
CA GLY B 108 12.40 -5.48 1.73
C GLY B 108 11.12 -5.51 2.53
N ILE B 109 9.99 -5.71 1.86
CA ILE B 109 8.72 -6.00 2.52
C ILE B 109 8.48 -7.49 2.40
N ARG B 110 8.25 -8.15 3.54
CA ARG B 110 8.00 -9.58 3.57
C ARG B 110 6.59 -9.82 4.11
N ARG B 111 5.84 -10.65 3.39
CA ARG B 111 4.55 -11.15 3.85
C ARG B 111 4.80 -12.46 4.57
N GLU B 112 4.61 -12.47 5.88
CA GLU B 112 4.86 -13.64 6.70
C GLU B 112 3.58 -14.42 6.91
N SER B 113 3.63 -15.72 6.63
CA SER B 113 2.53 -16.60 6.97
C SER B 113 2.46 -16.80 8.48
N THR B 114 1.24 -16.72 9.02
CA THR B 114 0.98 -17.18 10.37
C THR B 114 -0.03 -18.32 10.27
N ASN B 115 0.00 -19.20 11.27
CA ASN B 115 -0.85 -20.37 11.30
C ASN B 115 -2.26 -20.08 11.81
N GLU B 116 -2.78 -18.89 11.53
CA GLU B 116 -4.08 -18.48 12.03
C GLU B 116 -5.13 -18.47 10.92
N GLU B 117 -6.37 -18.72 11.31
CA GLU B 117 -7.51 -18.73 10.41
C GLU B 117 -8.61 -17.88 11.04
N LEU B 118 -9.12 -16.91 10.28
CA LEU B 118 -10.14 -16.00 10.76
C LEU B 118 -11.43 -16.32 10.01
N TYR B 119 -12.12 -17.35 10.48
CA TYR B 119 -13.33 -17.88 9.83
C TYR B 119 -13.08 -18.14 8.35
N GLY B 120 -12.22 -19.13 8.11
CA GLY B 120 -11.89 -19.55 6.77
C GLY B 120 -10.94 -18.67 6.01
N PHE B 121 -10.50 -17.55 6.59
CA PHE B 121 -9.56 -16.65 5.94
C PHE B 121 -8.18 -16.80 6.58
N ASN B 122 -7.16 -17.03 5.76
CA ASN B 122 -5.80 -17.17 6.26
C ASN B 122 -5.23 -15.80 6.61
N ILE B 123 -4.61 -15.72 7.79
CA ILE B 123 -4.04 -14.46 8.29
C ILE B 123 -2.55 -14.43 7.99
N TYR B 124 -2.07 -13.26 7.57
CA TYR B 124 -0.66 -13.04 7.30
C TYR B 124 -0.23 -11.72 7.95
N GLU B 125 1.07 -11.45 7.90
CA GLU B 125 1.62 -10.20 8.40
C GLU B 125 2.60 -9.64 7.39
N ASP B 126 2.42 -8.36 7.04
CA ASP B 126 3.31 -7.65 6.15
C ASP B 126 4.26 -6.81 6.99
N VAL B 127 5.56 -7.07 6.84
CA VAL B 127 6.58 -6.47 7.71
C VAL B 127 7.32 -5.42 6.91
N TYR B 128 7.00 -4.14 7.18
CA TYR B 128 7.65 -2.98 6.58
C TYR B 128 8.78 -2.49 7.49
N PRO B 129 9.98 -2.27 6.96
CA PRO B 129 11.08 -1.84 7.82
C PRO B 129 11.32 -0.34 7.73
N VAL B 130 11.52 0.32 8.87
CA VAL B 130 11.77 1.76 8.89
C VAL B 130 13.00 2.05 9.74
N ALA B 131 13.76 3.05 9.33
CA ALA B 131 14.95 3.49 10.04
C ALA B 131 14.69 4.89 10.58
N LYS B 132 14.88 5.06 11.88
CA LYS B 132 14.57 6.32 12.54
C LYS B 132 15.80 6.84 13.27
N LYS B 133 15.88 8.16 13.40
CA LYS B 133 17.00 8.80 14.08
C LYS B 133 16.56 10.17 14.55
N GLU B 134 16.70 10.44 15.84
CA GLU B 134 16.35 11.70 16.45
C GLU B 134 17.59 12.58 16.60
N LEU B 135 17.42 13.88 16.41
CA LEU B 135 18.54 14.80 16.58
C LEU B 135 18.40 15.59 17.87
N PRO B 136 19.53 15.96 18.49
CA PRO B 136 19.46 16.62 19.81
C PRO B 136 18.55 17.84 19.85
N SER B 137 18.35 18.53 18.72
CA SER B 137 17.49 19.70 18.68
C SER B 137 16.01 19.34 18.57
N GLY B 138 15.67 18.09 18.29
CA GLY B 138 14.30 17.61 18.28
C GLY B 138 13.85 16.98 16.98
N GLU B 139 14.56 17.24 15.89
CA GLU B 139 14.11 16.81 14.57
C GLU B 139 14.39 15.31 14.37
N PHE B 140 13.43 14.63 13.74
CA PHE B 140 13.55 13.21 13.44
C PHE B 140 13.77 13.02 11.94
N ILE B 141 14.49 11.95 11.61
CA ILE B 141 14.73 11.54 10.23
C ILE B 141 14.26 10.11 10.08
N GLY B 142 13.36 9.87 9.14
CA GLY B 142 12.82 8.54 8.90
C GLY B 142 13.01 8.15 7.44
N ILE B 143 13.29 6.87 7.22
CA ILE B 143 13.41 6.30 5.89
C ILE B 143 12.48 5.10 5.83
N VAL B 144 11.54 5.13 4.89
CA VAL B 144 10.51 4.10 4.78
C VAL B 144 10.63 3.41 3.43
N LEU B 145 10.11 2.19 3.37
CA LEU B 145 10.24 1.34 2.19
C LEU B 145 8.86 1.04 1.62
N LYS B 146 8.76 1.10 0.30
CA LYS B 146 7.53 0.76 -0.41
C LYS B 146 7.88 -0.07 -1.64
N HIS B 147 6.94 -0.91 -2.05
CA HIS B 147 7.10 -1.66 -3.28
C HIS B 147 7.34 -0.70 -4.43
N ALA B 148 8.37 -0.98 -5.23
CA ALA B 148 8.68 -0.14 -6.38
C ALA B 148 7.46 -0.04 -7.28
N GLN B 149 6.88 1.15 -7.36
CA GLN B 149 5.75 1.37 -8.25
C GLN B 149 6.23 1.25 -9.70
N ARG B 150 5.37 0.67 -10.54
CA ARG B 150 5.60 0.53 -11.97
C ARG B 150 6.71 -0.47 -12.31
N ALA B 151 7.55 -0.81 -11.33
CA ALA B 151 8.69 -1.68 -11.56
C ALA B 151 8.68 -2.81 -10.54
N VAL B 152 9.64 -3.72 -10.67
CA VAL B 152 9.85 -4.77 -9.69
C VAL B 152 10.96 -4.34 -8.73
N GLY B 153 10.73 -4.54 -7.44
CA GLY B 153 11.70 -4.14 -6.44
C GLY B 153 11.13 -3.26 -5.34
N TYR B 154 11.86 -2.21 -4.98
CA TYR B 154 11.45 -1.34 -3.88
C TYR B 154 11.75 0.12 -4.22
N GLN B 155 11.11 1.01 -3.48
CA GLN B 155 11.38 2.45 -3.57
C GLN B 155 11.48 2.99 -2.15
N SER B 156 12.57 3.68 -1.87
CA SER B 156 12.84 4.22 -0.54
C SER B 156 12.69 5.73 -0.55
N MET B 157 12.24 6.28 0.57
CA MET B 157 12.03 7.72 0.69
C MET B 157 12.43 8.21 2.07
N VAL B 158 12.98 9.42 2.09
CA VAL B 158 13.52 10.04 3.30
C VAL B 158 12.55 11.12 3.76
N TYR B 159 12.28 11.16 5.06
CA TYR B 159 11.44 12.19 5.67
C TYR B 159 12.21 12.89 6.77
N VAL B 160 11.89 14.17 6.97
CA VAL B 160 12.37 14.94 8.11
C VAL B 160 11.17 15.56 8.80
N CYS B 161 11.03 15.31 10.09
CA CYS B 161 9.91 15.80 10.89
C CYS B 161 10.43 16.89 11.81
N ILE B 162 10.06 18.13 11.52
CA ILE B 162 10.56 19.30 12.24
C ILE B 162 9.49 19.76 13.20
N PRO B 163 9.76 19.85 14.50
CA PRO B 163 8.77 20.39 15.43
C PRO B 163 8.45 21.83 15.11
N LEU B 164 7.19 22.22 15.34
CA LEU B 164 6.82 23.62 15.16
C LEU B 164 7.55 24.53 16.13
N THR B 165 8.03 24.00 17.25
CA THR B 165 8.83 24.80 18.17
C THR B 165 10.21 25.13 17.60
N ASN B 166 10.68 24.37 16.63
CA ASN B 166 11.94 24.67 15.97
C ASN B 166 11.71 25.59 14.78
N GLU B 185 15.39 27.48 9.22
CA GLU B 185 16.77 27.29 9.63
C GLU B 185 17.15 25.81 9.63
N VAL B 186 18.36 25.53 9.13
CA VAL B 186 18.82 24.16 8.97
C VAL B 186 20.11 23.96 9.74
N PRO B 187 20.13 23.12 10.77
CA PRO B 187 21.38 22.83 11.48
C PRO B 187 22.35 22.08 10.58
N VAL B 188 23.64 22.28 10.83
CA VAL B 188 24.68 21.64 10.02
C VAL B 188 24.61 20.13 10.16
N ASP B 189 24.42 19.65 11.39
CA ASP B 189 24.32 18.20 11.62
C ASP B 189 23.08 17.61 10.96
N LEU B 190 22.03 18.42 10.77
CA LEU B 190 20.85 17.95 10.06
C LEU B 190 21.20 17.58 8.62
N MET B 191 21.90 18.48 7.91
CA MET B 191 22.27 18.24 6.53
C MET B 191 23.13 16.97 6.38
N LYS B 192 24.01 16.70 7.35
CA LYS B 192 24.91 15.56 7.25
C LYS B 192 24.19 14.23 7.51
N GLU B 193 23.22 14.23 8.41
CA GLU B 193 22.46 13.01 8.66
C GLU B 193 21.44 12.74 7.57
N LEU B 194 20.98 13.79 6.88
CA LEU B 194 20.09 13.60 5.74
C LEU B 194 20.83 12.90 4.59
N LEU B 195 22.07 13.32 4.35
CA LEU B 195 22.90 12.63 3.35
C LEU B 195 23.09 11.17 3.72
N LYS B 196 23.53 10.91 4.96
CA LYS B 196 23.69 9.54 5.43
C LYS B 196 22.37 8.78 5.38
N ALA B 197 21.24 9.49 5.52
CA ALA B 197 19.95 8.85 5.33
C ALA B 197 19.82 8.30 3.91
N PHE B 198 20.12 9.13 2.92
CA PHE B 198 20.05 8.67 1.53
C PHE B 198 21.13 7.64 1.23
N ILE B 199 22.28 7.70 1.90
CA ILE B 199 23.35 6.74 1.64
C ILE B 199 23.00 5.36 2.17
N ILE B 200 22.23 5.28 3.25
CA ILE B 200 21.84 3.99 3.82
C ILE B 200 20.49 3.53 3.29
N ALA B 201 19.83 4.30 2.44
CA ALA B 201 18.53 3.91 1.93
C ALA B 201 18.65 2.82 0.87
N SER B 202 19.47 3.06 -0.15
CA SER B 202 19.64 2.10 -1.23
C SER B 202 20.95 2.40 -1.94
N GLU B 203 21.46 1.40 -2.66
CA GLU B 203 22.69 1.58 -3.43
C GLU B 203 22.49 2.60 -4.55
N THR B 204 21.28 2.64 -5.13
CA THR B 204 20.98 3.67 -6.12
C THR B 204 21.13 5.06 -5.52
N HIS B 205 20.48 5.30 -4.38
CA HIS B 205 20.62 6.58 -3.71
C HIS B 205 22.06 6.82 -3.25
N LYS B 206 22.77 5.77 -2.84
CA LYS B 206 24.14 5.95 -2.39
C LYS B 206 25.04 6.35 -3.55
N ASN B 207 24.96 5.64 -4.68
CA ASN B 207 25.74 6.02 -5.86
C ASN B 207 25.39 7.43 -6.33
N ASP B 208 24.14 7.83 -6.14
CA ASP B 208 23.75 9.20 -6.50
C ASP B 208 24.35 10.22 -5.55
N ILE B 209 24.44 9.89 -4.25
CA ILE B 209 25.05 10.80 -3.30
C ILE B 209 26.56 10.83 -3.48
N VAL B 210 27.19 9.65 -3.63
CA VAL B 210 28.63 9.59 -3.84
C VAL B 210 29.02 10.36 -5.08
N LYS B 211 28.25 10.22 -6.17
CA LYS B 211 28.56 10.94 -7.40
C LYS B 211 28.50 12.44 -7.19
N PHE B 212 27.56 12.92 -6.38
CA PHE B 212 27.41 14.35 -6.17
C PHE B 212 28.54 14.91 -5.31
N LEU B 213 28.99 14.15 -4.30
CA LEU B 213 29.99 14.67 -3.38
C LEU B 213 31.35 14.82 -4.06
N ARG B 214 31.69 13.91 -4.98
CA ARG B 214 32.95 14.01 -5.70
C ARG B 214 32.99 15.21 -6.64
N SER B 215 31.84 15.80 -6.96
CA SER B 215 31.81 16.95 -7.84
C SER B 215 32.17 18.24 -7.13
N ILE B 216 31.86 18.34 -5.84
CA ILE B 216 32.09 19.58 -5.09
C ILE B 216 33.29 19.45 -4.17
#